data_8B59
#
_entry.id   8B59
#
_entity_poly.entity_id   1
_entity_poly.type   'polypeptide(L)'
_entity_poly.pdbx_seq_one_letter_code
;MGITYRDAQIFSACVEALSARNNRITLTSFPLTAGQGQAPTATPAWYPVDLFVADATAVYGRRQLFAWTVDKVRPTRNVA
FVTDRVAMDFSAALLSLMAELEAVAPDVYAAIHGGATPGADLGDRITQLENRRVGCLAYVMATVVRAPITHNVRSFSAML
ASDPQAHAALLAYLTPNSAGQLDGAPIYFRRSDVDLRNNHLALHAEVVPGLPNMVPLTKAMVEVALANVEWWSDPLGYDS
LTSFGGLELLSLCDALAVCELSVAYGLKESGYCYLRFAGGCPLAEVILARLGYNPPLGVAVGWALYNGIKLDWYSKVISV
GHNMRLHVCDTAGEANACLIDVLTGEYDGMPVGGVDTVSCWVEQLDLLAAAAGVGRNLSNLHCGVQTPPRTINTTRRRLL
ASLVRTLIADPTLTDEELLHGAVRGTLNGLPRDRALWRCLQVVNTTVREFLAQDLDAMVRDRRECTTYASRAAFAERCAM
SGNASGLVGRQYSDMPAALEGEARACGLSAIDAIEIVRVVASGEPIRVLLDQHGRPATRPNGRLTADELRRCRPLVVGQG
GQVGFLPFVPFIVGGVGATVAAASGLALATFATVTGAGAVALGGLGLGAGVAALSITVGQLSYQVTRRALTTILPGGREF
GLDDLTRVLGGMVGRYISFVDTWFAHGRGDVFQETDAVPAGTVVFVLPNIEYEVLELRERALGRWSTLLVTTPNGVIAMR
ANGALPLRVVDAREAGQTFEWSTAARRRFTRAQANAINMMVTASKRVPGLKGSIDAAPSQGTGGSGTDLAGILQRLSALE
QTSVPRAEFDALQGRVAACEAKITELEADRVPRIDFTELRDRVHHIDGIGLSCLAHLARDLGITVPHNVRTFRQMRANVG
EVIWARFVDAVAESFSPMGGRPIFVRTDPAQPRNNHVSLVDEPTTTGFNGTVTPAMRRLTVADLTGDLVDTEWFSWTPYD
ASGPLGGTIEGIEAYLTDFTSKLKAELEATPTRTELGVAVGTRAPPLSDRLAAVERVIGMQEGNQVWRSNELRELWVAID
SIVTGRGQREFTTATIKWPAAFPSAVATAGRSFGQPGLAGYGELCTLARQLNALVAGVRNGVVSGMTRNGAGVLQLSTIS
SATGNLTSDQQAVLRACFFPATPRVGEYQIVYPVGGTMGLTRVDPSTNSSIGQYTRESLVAARNAMPRFAVHTTTPDTVG
VAWDNQSAAGLPMGAAPVLTVSVNQLSGVPVTEADKQRWDAKQDKFKIVNTDDRVAALSWVDSVDGFAAPGSDMLLDYQA
PAGTGSLPFGSKYAMAVAIGGSLGSQLSEAQVSAARVVLGNGVWRDAVIDVLRKLHNVMYGGKYGRIDDIAAMRSYLNDG
TGLLPGSEPIVDVGGAEGNACARATILLRGFSSTMVGVDLKIQMLVELYGAEPATAALLYRGWTMQ
;
_entity_poly.pdbx_strand_id   D,E,C
#
# COMPACT_ATOMS: atom_id res chain seq x y z
N LYS A 1292 2.01 3.54 11.28
CA LYS A 1292 2.73 4.05 10.14
C LYS A 1292 1.77 4.62 9.10
N TYR A 1293 2.26 5.56 8.29
CA TYR A 1293 1.40 6.20 7.29
C TYR A 1293 1.12 5.26 6.13
N ALA A 1294 2.16 4.59 5.62
CA ALA A 1294 1.98 3.70 4.47
C ALA A 1294 1.11 2.50 4.83
N MET A 1295 1.29 1.95 6.04
CA MET A 1295 0.45 0.85 6.48
C MET A 1295 -1.01 1.27 6.51
N ALA A 1296 -1.29 2.43 7.10
CA ALA A 1296 -2.66 2.94 7.15
C ALA A 1296 -3.23 3.12 5.75
N VAL A 1297 -2.45 3.75 4.87
CA VAL A 1297 -2.95 4.03 3.52
C VAL A 1297 -3.24 2.74 2.76
N ALA A 1298 -2.34 1.77 2.84
CA ALA A 1298 -2.54 0.52 2.10
C ALA A 1298 -3.72 -0.26 2.67
N ILE A 1299 -3.79 -0.40 3.99
CA ILE A 1299 -4.89 -1.13 4.61
C ILE A 1299 -6.23 -0.47 4.31
N GLY A 1300 -6.26 0.87 4.29
CA GLY A 1300 -7.52 1.56 4.09
C GLY A 1300 -7.88 1.81 2.65
N GLY A 1301 -6.96 1.54 1.74
CA GLY A 1301 -7.27 1.67 0.33
C GLY A 1301 -7.51 0.35 -0.36
N SER A 1302 -6.95 -0.73 0.19
CA SER A 1302 -7.07 -2.04 -0.43
C SER A 1302 -8.52 -2.52 -0.39
N LEU A 1303 -9.16 -2.40 0.77
CA LEU A 1303 -10.50 -2.93 0.98
C LEU A 1303 -11.55 -1.85 0.74
N GLY A 1304 -12.62 -2.22 0.05
CA GLY A 1304 -13.72 -1.29 -0.14
C GLY A 1304 -14.98 -1.86 -0.75
N SER A 1305 -16.10 -1.62 -0.07
CA SER A 1305 -17.48 -1.80 -0.56
C SER A 1305 -17.85 -3.27 -0.73
N GLN A 1306 -16.87 -4.16 -0.64
CA GLN A 1306 -17.13 -5.59 -0.73
C GLN A 1306 -15.93 -6.28 -0.07
N LEU A 1307 -16.09 -6.69 1.18
CA LEU A 1307 -15.00 -7.30 1.91
C LEU A 1307 -14.87 -8.74 1.43
N SER A 1308 -13.79 -9.01 0.68
CA SER A 1308 -13.62 -10.31 0.05
C SER A 1308 -13.42 -11.39 1.11
N GLU A 1309 -13.29 -12.63 0.62
CA GLU A 1309 -13.17 -13.78 1.50
C GLU A 1309 -12.08 -13.64 2.54
N ALA A 1310 -11.08 -12.78 2.31
CA ALA A 1310 -9.95 -12.62 3.22
C ALA A 1310 -9.64 -11.16 3.53
N GLN A 1311 -10.64 -10.28 3.52
CA GLN A 1311 -10.46 -8.91 3.98
C GLN A 1311 -11.21 -8.60 5.26
N VAL A 1312 -12.14 -9.46 5.67
CA VAL A 1312 -13.02 -9.14 6.79
C VAL A 1312 -12.27 -9.07 8.10
N SER A 1313 -11.07 -9.66 8.19
CA SER A 1313 -10.32 -9.71 9.43
C SER A 1313 -9.21 -8.68 9.47
N ALA A 1314 -9.29 -7.65 8.63
CA ALA A 1314 -8.26 -6.60 8.65
C ALA A 1314 -8.25 -5.85 9.96
N ALA A 1315 -9.39 -5.77 10.65
CA ALA A 1315 -9.41 -5.14 11.96
C ALA A 1315 -8.62 -5.94 12.97
N ARG A 1316 -8.98 -7.21 13.17
CA ARG A 1316 -8.24 -8.06 14.08
C ARG A 1316 -6.78 -8.23 13.68
N VAL A 1317 -6.45 -7.99 12.41
CA VAL A 1317 -5.05 -7.98 12.01
C VAL A 1317 -4.36 -6.70 12.48
N VAL A 1318 -4.97 -5.56 12.22
CA VAL A 1318 -4.39 -4.28 12.62
C VAL A 1318 -4.44 -4.13 14.14
N LEU A 1319 -5.65 -4.15 14.69
CA LEU A 1319 -5.82 -4.13 16.14
C LEU A 1319 -5.45 -5.49 16.71
N GLY A 1320 -5.58 -5.67 18.00
CA GLY A 1320 -5.33 -6.96 18.62
C GLY A 1320 -6.45 -7.93 18.31
N ASN A 1321 -6.41 -9.07 19.01
CA ASN A 1321 -7.49 -10.03 18.94
C ASN A 1321 -8.33 -10.09 20.21
N GLY A 1322 -7.77 -9.72 21.35
CA GLY A 1322 -8.52 -9.63 22.58
C GLY A 1322 -9.45 -8.43 22.58
N VAL A 1323 -9.85 -8.04 23.79
CA VAL A 1323 -10.72 -6.88 23.93
C VAL A 1323 -9.92 -5.61 23.67
N TRP A 1324 -10.42 -4.78 22.77
CA TRP A 1324 -9.86 -3.46 22.52
C TRP A 1324 -10.31 -2.54 23.65
N ARG A 1325 -9.43 -1.62 24.04
CA ARG A 1325 -9.59 -1.09 25.39
C ARG A 1325 -10.65 0.02 25.51
N ASP A 1326 -10.34 1.26 25.16
CA ASP A 1326 -11.36 2.29 25.11
C ASP A 1326 -11.08 3.31 24.02
N ALA A 1327 -9.80 3.49 23.70
CA ALA A 1327 -9.45 4.47 22.67
C ALA A 1327 -9.75 3.93 21.29
N VAL A 1328 -9.45 2.65 21.07
CA VAL A 1328 -9.88 1.99 19.85
C VAL A 1328 -11.37 2.13 19.66
N ILE A 1329 -12.14 1.87 20.74
CA ILE A 1329 -13.59 1.86 20.62
C ILE A 1329 -14.12 3.26 20.39
N ASP A 1330 -13.52 4.27 21.02
CA ASP A 1330 -13.97 5.64 20.83
C ASP A 1330 -13.66 6.12 19.42
N VAL A 1331 -12.49 5.78 18.90
CA VAL A 1331 -12.16 6.15 17.53
C VAL A 1331 -13.08 5.45 16.55
N LEU A 1332 -13.39 4.18 16.80
CA LEU A 1332 -14.31 3.46 15.91
C LEU A 1332 -15.71 4.06 15.99
N ARG A 1333 -16.12 4.52 17.18
CA ARG A 1333 -17.42 5.15 17.31
C ARG A 1333 -17.48 6.46 16.54
N LYS A 1334 -16.43 7.27 16.65
CA LYS A 1334 -16.38 8.52 15.89
C LYS A 1334 -16.39 8.26 14.39
N LEU A 1335 -15.64 7.25 13.95
CA LEU A 1335 -15.61 6.91 12.53
C LEU A 1335 -16.98 6.46 12.06
N HIS A 1336 -17.64 5.60 12.83
CA HIS A 1336 -18.96 5.14 12.43
C HIS A 1336 -19.93 6.30 12.39
N ASN A 1337 -19.89 7.19 13.37
CA ASN A 1337 -20.74 8.37 13.33
C ASN A 1337 -20.52 9.14 12.04
N VAL A 1338 -19.28 9.62 11.82
CA VAL A 1338 -18.99 10.46 10.67
C VAL A 1338 -19.38 9.79 9.36
N MET A 1339 -19.18 8.47 9.26
CA MET A 1339 -19.33 7.82 7.98
C MET A 1339 -20.71 7.19 7.74
N TYR A 1340 -21.50 6.95 8.78
CA TYR A 1340 -22.75 6.23 8.60
C TYR A 1340 -23.91 6.75 9.42
N GLY A 1341 -23.76 7.84 10.18
CA GLY A 1341 -24.89 8.36 10.92
C GLY A 1341 -25.89 9.09 10.07
N GLY A 1342 -25.47 9.55 8.89
CA GLY A 1342 -26.40 10.26 8.03
C GLY A 1342 -27.51 9.37 7.52
N LYS A 1343 -27.25 8.06 7.44
CA LYS A 1343 -28.21 7.11 6.90
C LYS A 1343 -28.70 6.12 7.95
N TYR A 1344 -27.79 5.51 8.70
CA TYR A 1344 -28.14 4.45 9.62
C TYR A 1344 -28.15 4.91 11.07
N GLY A 1345 -28.14 6.21 11.33
CA GLY A 1345 -28.18 6.70 12.68
C GLY A 1345 -26.84 6.54 13.37
N ARG A 1346 -26.55 7.40 14.34
CA ARG A 1346 -25.30 7.31 15.05
C ARG A 1346 -25.48 6.57 16.36
N ILE A 1347 -24.37 6.37 17.06
CA ILE A 1347 -24.37 5.75 18.37
C ILE A 1347 -23.72 6.71 19.35
N ASP A 1348 -24.14 6.63 20.62
CA ASP A 1348 -23.86 7.65 21.61
C ASP A 1348 -22.66 7.32 22.50
N ASP A 1349 -22.59 6.09 23.03
CA ASP A 1349 -21.66 5.77 24.10
C ASP A 1349 -20.62 4.77 23.64
N ILE A 1350 -19.45 4.82 24.28
CA ILE A 1350 -18.39 3.87 24.01
C ILE A 1350 -18.83 2.45 24.34
N ALA A 1351 -19.68 2.30 25.36
CA ALA A 1351 -20.18 0.98 25.71
C ALA A 1351 -21.26 0.51 24.74
N ALA A 1352 -21.96 1.45 24.09
CA ALA A 1352 -22.94 1.09 23.08
C ALA A 1352 -22.30 0.80 21.73
N MET A 1353 -21.08 1.27 21.51
CA MET A 1353 -20.33 0.84 20.34
C MET A 1353 -19.92 -0.63 20.47
N ARG A 1354 -19.49 -1.04 21.66
CA ARG A 1354 -19.17 -2.43 21.89
C ARG A 1354 -20.39 -3.32 21.65
N SER A 1355 -21.52 -2.95 22.26
CA SER A 1355 -22.73 -3.76 22.09
C SER A 1355 -23.20 -3.77 20.64
N TYR A 1356 -22.99 -2.69 19.90
CA TYR A 1356 -23.30 -2.70 18.48
C TYR A 1356 -22.26 -3.47 17.69
N LEU A 1357 -21.00 -3.41 18.12
CA LEU A 1357 -19.92 -3.99 17.32
C LEU A 1357 -19.98 -5.51 17.31
N ASN A 1358 -19.94 -6.13 18.48
CA ASN A 1358 -19.77 -7.57 18.52
C ASN A 1358 -21.04 -8.31 18.14
N ASP A 1359 -22.11 -8.17 18.93
CA ASP A 1359 -23.27 -9.03 18.72
C ASP A 1359 -24.17 -8.50 17.60
N GLY A 1360 -24.82 -7.37 17.83
CA GLY A 1360 -25.88 -6.96 16.93
C GLY A 1360 -25.74 -5.60 16.27
N THR A 1361 -26.58 -4.69 16.74
CA THR A 1361 -26.89 -3.43 16.10
C THR A 1361 -27.23 -2.42 17.19
N GLY A 1362 -27.97 -1.38 16.83
CA GLY A 1362 -28.09 -0.18 17.63
C GLY A 1362 -28.28 1.00 16.70
N LEU A 1363 -28.33 0.69 15.41
CA LEU A 1363 -28.61 1.68 14.39
C LEU A 1363 -30.08 2.06 14.45
N LEU A 1364 -30.54 2.85 13.47
CA LEU A 1364 -31.91 3.28 13.44
C LEU A 1364 -32.84 2.08 13.27
N PRO A 1365 -34.05 2.14 13.85
CA PRO A 1365 -34.98 1.03 13.70
C PRO A 1365 -35.46 0.91 12.25
N GLY A 1366 -35.32 -0.28 11.69
CA GLY A 1366 -35.73 -0.57 10.34
C GLY A 1366 -34.62 -0.49 9.32
N SER A 1367 -33.46 0.04 9.68
CA SER A 1367 -32.35 0.16 8.74
C SER A 1367 -31.59 -1.17 8.65
N GLU A 1368 -31.17 -1.50 7.43
CA GLU A 1368 -30.49 -2.75 7.17
C GLU A 1368 -29.04 -2.67 7.62
N PRO A 1369 -28.36 -3.81 7.74
CA PRO A 1369 -26.98 -3.78 8.23
C PRO A 1369 -26.04 -3.02 7.31
N ILE A 1370 -24.98 -2.47 7.90
CA ILE A 1370 -24.00 -1.71 7.12
C ILE A 1370 -23.31 -2.63 6.13
N VAL A 1371 -22.85 -3.78 6.58
CA VAL A 1371 -22.15 -4.74 5.74
C VAL A 1371 -22.56 -6.15 6.16
N ASP A 1372 -22.67 -7.04 5.17
CA ASP A 1372 -23.10 -8.41 5.39
C ASP A 1372 -22.16 -9.31 4.60
N VAL A 1373 -21.43 -10.18 5.30
CA VAL A 1373 -20.48 -11.08 4.68
C VAL A 1373 -20.83 -12.55 4.91
N GLY A 1374 -21.27 -12.89 6.12
CA GLY A 1374 -21.57 -14.27 6.44
C GLY A 1374 -22.06 -14.46 7.86
N GLY A 1375 -21.53 -15.47 8.54
CA GLY A 1375 -21.92 -15.76 9.90
C GLY A 1375 -21.56 -14.65 10.86
N ALA A 1376 -21.97 -14.86 12.12
CA ALA A 1376 -21.80 -13.82 13.13
C ALA A 1376 -20.32 -13.51 13.38
N GLU A 1377 -19.50 -14.57 13.52
CA GLU A 1377 -18.10 -14.36 13.87
C GLU A 1377 -17.35 -13.60 12.80
N GLY A 1378 -17.83 -13.62 11.57
CA GLY A 1378 -17.20 -12.91 10.49
C GLY A 1378 -17.94 -11.63 10.16
N ASN A 1379 -19.24 -11.62 10.42
CA ASN A 1379 -20.02 -10.41 10.17
C ASN A 1379 -19.63 -9.31 11.14
N ALA A 1380 -19.38 -9.66 12.40
CA ALA A 1380 -18.95 -8.64 13.35
C ALA A 1380 -17.57 -8.09 12.99
N CYS A 1381 -16.65 -8.97 12.58
CA CYS A 1381 -15.33 -8.51 12.20
C CYS A 1381 -15.38 -7.68 10.93
N ALA A 1382 -16.32 -7.97 10.03
CA ALA A 1382 -16.48 -7.14 8.84
C ALA A 1382 -17.07 -5.79 9.19
N ARG A 1383 -18.04 -5.77 10.10
CA ARG A 1383 -18.61 -4.50 10.55
C ARG A 1383 -17.57 -3.65 11.26
N ALA A 1384 -16.58 -4.28 11.89
CA ALA A 1384 -15.49 -3.52 12.48
C ALA A 1384 -14.47 -3.08 11.45
N THR A 1385 -14.22 -3.92 10.42
CA THR A 1385 -13.22 -3.59 9.41
C THR A 1385 -13.70 -2.45 8.51
N ILE A 1386 -14.99 -2.41 8.19
CA ILE A 1386 -15.50 -1.43 7.25
C ILE A 1386 -15.27 0.00 7.71
N LEU A 1387 -14.81 0.20 8.94
CA LEU A 1387 -14.59 1.55 9.46
C LEU A 1387 -13.17 2.05 9.23
N LEU A 1388 -12.17 1.17 9.32
CA LEU A 1388 -10.79 1.63 9.16
C LEU A 1388 -10.47 2.04 7.74
N ARG A 1389 -11.35 1.80 6.78
CA ARG A 1389 -11.18 2.40 5.47
C ARG A 1389 -11.48 3.89 5.47
N GLY A 1390 -11.90 4.44 6.61
CA GLY A 1390 -12.18 5.85 6.72
C GLY A 1390 -10.96 6.74 6.66
N PHE A 1391 -9.76 6.17 6.75
CA PHE A 1391 -8.55 6.97 6.59
C PHE A 1391 -8.52 7.60 5.21
N SER A 1392 -8.64 6.79 4.17
CA SER A 1392 -8.60 7.28 2.79
C SER A 1392 -9.99 7.67 2.30
N SER A 1393 -10.67 8.52 3.07
CA SER A 1393 -12.01 8.96 2.71
C SER A 1393 -12.12 10.46 2.93
N THR A 1394 -12.73 11.15 1.98
CA THR A 1394 -12.87 12.60 2.05
C THR A 1394 -13.84 13.03 3.14
N MET A 1395 -14.69 12.12 3.63
CA MET A 1395 -15.65 12.51 4.66
C MET A 1395 -14.97 12.69 6.01
N VAL A 1396 -14.00 11.84 6.33
CA VAL A 1396 -13.32 11.88 7.61
C VAL A 1396 -12.29 13.01 7.61
N GLY A 1397 -12.37 13.87 8.60
CA GLY A 1397 -11.46 15.00 8.68
C GLY A 1397 -10.04 14.58 8.98
N VAL A 1398 -9.14 15.56 8.96
CA VAL A 1398 -7.74 15.28 9.18
C VAL A 1398 -7.46 14.98 10.64
N ASP A 1399 -8.19 15.62 11.55
CA ASP A 1399 -7.99 15.35 12.97
C ASP A 1399 -8.34 13.90 13.31
N LEU A 1400 -9.40 13.37 12.70
CA LEU A 1400 -9.71 11.96 12.90
C LEU A 1400 -8.70 11.05 12.21
N LYS A 1401 -8.10 11.48 11.10
CA LYS A 1401 -7.03 10.66 10.52
C LYS A 1401 -5.84 10.59 11.46
N ILE A 1402 -5.51 11.70 12.13
CA ILE A 1402 -4.44 11.69 13.12
C ILE A 1402 -4.83 10.79 14.29
N GLN A 1403 -6.08 10.88 14.73
CA GLN A 1403 -6.53 10.04 15.84
C GLN A 1403 -6.49 8.57 15.46
N MET A 1404 -6.78 8.25 14.20
CA MET A 1404 -6.65 6.88 13.72
C MET A 1404 -5.20 6.44 13.78
N LEU A 1405 -4.29 7.24 13.23
CA LEU A 1405 -2.87 6.90 13.29
C LEU A 1405 -2.38 6.74 14.73
N VAL A 1406 -2.99 7.45 15.67
CA VAL A 1406 -2.50 7.43 17.04
C VAL A 1406 -3.05 6.24 17.81
N GLU A 1407 -4.34 5.92 17.64
CA GLU A 1407 -4.98 4.90 18.45
C GLU A 1407 -5.08 3.55 17.76
N LEU A 1408 -5.47 3.52 16.48
CA LEU A 1408 -5.60 2.25 15.78
C LEU A 1408 -4.23 1.67 15.47
N TYR A 1409 -3.43 2.39 14.70
CA TYR A 1409 -2.07 1.98 14.41
C TYR A 1409 -1.11 2.56 15.44
N GLY A 1410 0.11 2.04 15.44
CA GLY A 1410 1.09 2.52 16.40
C GLY A 1410 1.87 3.71 15.90
N ALA A 1411 1.46 4.91 16.30
CA ALA A 1411 2.15 6.12 15.91
C ALA A 1411 2.06 7.13 17.05
N GLU A 1412 3.06 7.98 17.12
CA GLU A 1412 3.22 8.95 18.21
C GLU A 1412 2.53 10.26 17.85
N PRO A 1413 1.85 10.88 18.82
CA PRO A 1413 1.12 12.12 18.52
C PRO A 1413 2.01 13.23 17.99
N ALA A 1414 3.19 13.42 18.58
CA ALA A 1414 4.07 14.48 18.14
C ALA A 1414 4.57 14.21 16.72
N THR A 1415 4.74 12.95 16.35
CA THR A 1415 5.22 12.61 15.01
C THR A 1415 4.08 12.39 14.03
N ALA A 1416 2.85 12.22 14.51
CA ALA A 1416 1.70 12.18 13.63
C ALA A 1416 1.05 13.54 13.46
N ALA A 1417 1.52 14.56 14.19
CA ALA A 1417 0.94 15.88 14.09
C ALA A 1417 1.13 16.51 12.71
N LEU A 1418 2.17 16.12 11.99
CA LEU A 1418 2.40 16.69 10.66
C LEU A 1418 1.60 15.97 9.58
N LEU A 1419 0.31 15.80 9.86
CA LEU A 1419 -0.65 15.39 8.84
C LEU A 1419 -1.38 16.57 8.23
N TYR A 1420 -1.49 17.68 8.94
CA TYR A 1420 -2.05 18.90 8.40
C TYR A 1420 -0.94 19.85 7.96
N ARG A 1421 -1.33 20.82 7.13
CA ARG A 1421 -0.39 21.55 6.30
C ARG A 1421 0.61 22.35 7.14
N GLY A 1422 1.63 22.86 6.47
CA GLY A 1422 2.70 23.60 7.08
C GLY A 1422 4.00 23.41 6.34
N TRP A 1423 4.74 24.48 6.11
CA TRP A 1423 5.93 24.45 5.27
C TRP A 1423 7.07 25.12 6.00
N THR A 1424 8.21 24.44 6.10
CA THR A 1424 9.37 24.94 6.84
C THR A 1424 10.51 25.34 5.92
N MET A 1425 10.20 25.78 4.70
CA MET A 1425 11.21 26.20 3.72
C MET A 1425 12.17 25.06 3.37
N GLN A 1426 11.65 23.84 3.37
CA GLN A 1426 12.44 22.66 3.01
C GLN A 1426 12.95 22.76 1.58
N LYS B 1292 11.67 1.62 2.35
CA LYS B 1292 11.08 0.32 2.06
C LYS B 1292 10.34 0.36 0.73
N TYR B 1293 10.22 -0.81 0.10
CA TYR B 1293 9.57 -0.89 -1.21
C TYR B 1293 8.07 -0.74 -1.09
N ALA B 1294 7.46 -1.43 -0.12
CA ALA B 1294 6.00 -1.36 0.03
C ALA B 1294 5.55 0.03 0.45
N MET B 1295 6.31 0.67 1.34
CA MET B 1295 5.98 2.03 1.75
C MET B 1295 6.00 2.97 0.56
N ALA B 1296 7.05 2.88 -0.26
CA ALA B 1296 7.14 3.72 -1.45
C ALA B 1296 5.98 3.45 -2.39
N VAL B 1297 5.67 2.19 -2.64
CA VAL B 1297 4.61 1.85 -3.58
C VAL B 1297 3.26 2.36 -3.09
N ALA B 1298 2.96 2.17 -1.81
CA ALA B 1298 1.67 2.60 -1.28
C ALA B 1298 1.56 4.12 -1.28
N ILE B 1299 2.60 4.80 -0.79
CA ILE B 1299 2.57 6.27 -0.76
C ILE B 1299 2.45 6.85 -2.16
N GLY B 1300 3.11 6.22 -3.14
CA GLY B 1300 3.12 6.78 -4.48
C GLY B 1300 1.96 6.31 -5.34
N GLY B 1301 1.20 5.34 -4.87
CA GLY B 1301 0.04 4.91 -5.62
C GLY B 1301 -1.27 5.42 -5.03
N SER B 1302 -1.26 5.74 -3.74
CA SER B 1302 -2.49 6.20 -3.09
C SER B 1302 -2.93 7.56 -3.62
N LEU B 1303 -1.99 8.49 -3.75
CA LEU B 1303 -2.28 9.87 -4.13
C LEU B 1303 -2.10 10.05 -5.63
N GLY B 1304 -3.04 10.75 -6.25
CA GLY B 1304 -2.88 11.07 -7.67
C GLY B 1304 -3.89 12.05 -8.24
N SER B 1305 -3.36 13.09 -8.90
CA SER B 1305 -4.08 14.01 -9.78
C SER B 1305 -5.04 14.92 -9.02
N GLN B 1306 -5.26 14.63 -7.74
CA GLN B 1306 -6.12 15.48 -6.91
C GLN B 1306 -5.74 15.17 -5.46
N LEU B 1307 -4.92 16.02 -4.87
CA LEU B 1307 -4.45 15.80 -3.51
C LEU B 1307 -5.57 16.16 -2.56
N SER B 1308 -6.18 15.16 -1.93
CA SER B 1308 -7.34 15.35 -1.11
C SER B 1308 -6.99 16.18 0.12
N GLU B 1309 -8.01 16.46 0.94
CA GLU B 1309 -7.85 17.29 2.12
C GLU B 1309 -6.73 16.83 3.04
N ALA B 1310 -6.32 15.56 2.97
CA ALA B 1310 -5.30 15.01 3.84
C ALA B 1310 -4.25 14.20 3.10
N GLN B 1311 -3.94 14.55 1.85
CA GLN B 1311 -2.83 13.96 1.13
C GLN B 1311 -1.71 14.94 0.86
N VAL B 1312 -1.95 16.24 1.02
CA VAL B 1312 -0.97 17.25 0.60
C VAL B 1312 0.29 17.20 1.43
N SER B 1313 0.24 16.61 2.62
CA SER B 1313 1.38 16.59 3.54
C SER B 1313 2.12 15.25 3.51
N ALA B 1314 1.92 14.46 2.45
CA ALA B 1314 2.64 13.19 2.35
C ALA B 1314 4.13 13.39 2.25
N ALA B 1315 4.58 14.52 1.70
CA ALA B 1315 6.01 14.80 1.65
C ALA B 1315 6.57 15.01 3.06
N ARG B 1316 6.02 15.97 3.79
CA ARG B 1316 6.47 16.21 5.16
C ARG B 1316 6.27 14.99 6.06
N VAL B 1317 5.38 14.08 5.68
CA VAL B 1317 5.25 12.83 6.41
C VAL B 1317 6.42 11.90 6.08
N VAL B 1318 6.70 11.70 4.79
CA VAL B 1318 7.78 10.83 4.38
C VAL B 1318 9.13 11.45 4.73
N LEU B 1319 9.40 12.63 4.17
CA LEU B 1319 10.60 13.37 4.51
C LEU B 1319 10.43 13.98 5.90
N GLY B 1320 11.43 14.71 6.37
CA GLY B 1320 11.31 15.40 7.63
C GLY B 1320 10.39 16.58 7.54
N ASN B 1321 10.38 17.40 8.60
CA ASN B 1321 9.67 18.66 8.59
C ASN B 1321 10.58 19.88 8.53
N GLY B 1322 11.83 19.76 8.97
CA GLY B 1322 12.79 20.83 8.83
C GLY B 1322 13.27 20.96 7.41
N VAL B 1323 14.42 21.61 7.26
CA VAL B 1323 15.01 21.79 5.94
C VAL B 1323 15.56 20.45 5.45
N TRP B 1324 15.15 20.06 4.25
CA TRP B 1324 15.71 18.90 3.58
C TRP B 1324 17.05 19.28 3.01
N ARG B 1325 18.01 18.34 3.02
CA ARG B 1325 19.39 18.80 2.96
C ARG B 1325 19.91 19.13 1.56
N ASP B 1326 20.30 18.15 0.76
CA ASP B 1326 20.62 18.43 -0.63
C ASP B 1326 20.27 17.25 -1.54
N ALA B 1327 20.28 16.05 -0.97
CA ALA B 1327 19.98 14.88 -1.77
C ALA B 1327 18.49 14.76 -2.03
N VAL B 1328 17.69 15.05 -1.00
CA VAL B 1328 16.25 15.17 -1.18
C VAL B 1328 15.94 16.18 -2.28
N ILE B 1329 16.58 17.34 -2.21
CA ILE B 1329 16.26 18.40 -3.16
C ILE B 1329 16.72 18.04 -4.56
N ASP B 1330 17.86 17.38 -4.70
CA ASP B 1330 18.33 17.00 -6.03
C ASP B 1330 17.44 15.92 -6.62
N VAL B 1331 17.00 14.96 -5.82
CA VAL B 1331 16.09 13.95 -6.31
C VAL B 1331 14.76 14.57 -6.72
N LEU B 1332 14.26 15.51 -5.91
CA LEU B 1332 13.02 16.18 -6.26
C LEU B 1332 13.17 17.00 -7.53
N ARG B 1333 14.34 17.61 -7.74
CA ARG B 1333 14.57 18.36 -8.96
C ARG B 1333 14.60 17.45 -10.17
N LYS B 1334 15.26 16.30 -10.06
CA LYS B 1334 15.28 15.36 -11.17
C LYS B 1334 13.88 14.84 -11.47
N LEU B 1335 13.09 14.55 -10.42
CA LEU B 1335 11.74 14.08 -10.61
C LEU B 1335 10.89 15.14 -11.30
N HIS B 1336 10.98 16.39 -10.84
CA HIS B 1336 10.22 17.45 -11.48
C HIS B 1336 10.62 17.62 -12.92
N ASN B 1337 11.93 17.59 -13.20
CA ASN B 1337 12.37 17.66 -14.59
C ASN B 1337 11.70 16.57 -15.42
N VAL B 1338 11.96 15.30 -15.07
CA VAL B 1338 11.47 14.18 -15.86
C VAL B 1338 9.96 14.24 -16.04
N MET B 1339 9.23 14.67 -15.01
CA MET B 1339 7.78 14.54 -15.05
C MET B 1339 7.05 15.79 -15.53
N TYR B 1340 7.68 16.97 -15.52
CA TYR B 1340 6.96 18.19 -15.83
C TYR B 1340 7.74 19.18 -16.67
N GLY B 1341 8.96 18.87 -17.11
CA GLY B 1341 9.69 19.82 -17.94
C GLY B 1341 9.19 19.87 -19.37
N GLY B 1342 8.50 18.83 -19.81
CA GLY B 1342 7.99 18.83 -21.17
C GLY B 1342 6.93 19.89 -21.38
N LYS B 1343 6.23 20.27 -20.31
CA LYS B 1343 5.14 21.23 -20.41
C LYS B 1343 5.45 22.53 -19.68
N TYR B 1344 5.91 22.44 -18.43
CA TYR B 1344 6.08 23.61 -17.59
C TYR B 1344 7.54 24.02 -17.46
N GLY B 1345 8.42 23.51 -18.31
CA GLY B 1345 9.81 23.89 -18.24
C GLY B 1345 10.52 23.24 -17.07
N ARG B 1346 11.82 23.03 -17.19
CA ARG B 1346 12.57 22.41 -16.12
C ARG B 1346 13.27 23.47 -15.28
N ILE B 1347 13.93 23.00 -14.23
CA ILE B 1347 14.71 23.87 -13.37
C ILE B 1347 16.13 23.34 -13.33
N ASP B 1348 17.08 24.25 -13.12
CA ASP B 1348 18.49 23.97 -13.35
C ASP B 1348 19.26 23.59 -12.08
N ASP B 1349 19.09 24.34 -11.00
CA ASP B 1349 19.96 24.24 -9.86
C ASP B 1349 19.22 23.73 -8.63
N ILE B 1350 19.97 23.09 -7.74
CA ILE B 1350 19.42 22.60 -6.48
C ILE B 1350 18.91 23.75 -5.64
N ALA B 1351 19.55 24.91 -5.73
CA ALA B 1351 19.08 26.08 -4.99
C ALA B 1351 17.85 26.70 -5.64
N ALA B 1352 17.70 26.53 -6.95
CA ALA B 1352 16.50 27.01 -7.63
C ALA B 1352 15.32 26.08 -7.45
N MET B 1353 15.56 24.82 -7.11
CA MET B 1353 14.46 23.94 -6.71
C MET B 1353 13.87 24.39 -5.38
N ARG B 1354 14.74 24.75 -4.42
CA ARG B 1354 14.27 25.28 -3.15
C ARG B 1354 13.42 26.53 -3.36
N SER B 1355 13.94 27.49 -4.13
CA SER B 1355 13.21 28.72 -4.37
C SER B 1355 11.91 28.47 -5.11
N TYR B 1356 11.88 27.48 -5.99
CA TYR B 1356 10.62 27.11 -6.63
C TYR B 1356 9.72 26.33 -5.69
N LEU B 1357 10.30 25.53 -4.80
CA LEU B 1357 9.50 24.62 -3.98
C LEU B 1357 8.69 25.39 -2.93
N ASN B 1358 9.37 26.16 -2.09
CA ASN B 1358 8.69 26.74 -0.93
C ASN B 1358 7.79 27.89 -1.33
N ASP B 1359 8.36 28.98 -1.85
CA ASP B 1359 7.56 30.19 -2.01
C ASP B 1359 6.75 30.16 -3.31
N GLY B 1360 7.43 30.21 -4.45
CA GLY B 1360 6.72 30.44 -5.70
C GLY B 1360 6.87 29.41 -6.78
N THR B 1361 7.61 29.82 -7.81
CA THR B 1361 7.67 29.19 -9.12
C THR B 1361 9.06 29.42 -9.68
N GLY B 1362 9.18 29.35 -11.01
CA GLY B 1362 10.45 29.21 -11.68
C GLY B 1362 10.24 28.41 -12.94
N LEU B 1363 8.99 28.03 -13.17
CA LEU B 1363 8.60 27.34 -14.38
C LEU B 1363 8.62 28.31 -15.55
N LEU B 1364 8.13 27.86 -16.71
CA LEU B 1364 8.12 28.71 -17.89
C LEU B 1364 7.21 29.91 -17.66
N PRO B 1365 7.54 31.06 -18.26
CA PRO B 1365 6.70 32.24 -18.10
C PRO B 1365 5.35 32.05 -18.78
N GLY B 1366 4.28 32.26 -18.02
CA GLY B 1366 2.93 32.13 -18.51
C GLY B 1366 2.27 30.80 -18.19
N SER B 1367 3.04 29.81 -17.73
CA SER B 1367 2.48 28.50 -17.43
C SER B 1367 1.83 28.51 -16.05
N GLU B 1368 0.70 27.82 -15.94
CA GLU B 1368 -0.07 27.79 -14.71
C GLU B 1368 0.58 26.82 -13.72
N PRO B 1369 0.20 26.89 -12.44
CA PRO B 1369 0.85 26.03 -11.44
C PRO B 1369 0.61 24.55 -11.70
N ILE B 1370 1.56 23.73 -11.25
CA ILE B 1370 1.44 22.29 -11.42
C ILE B 1370 0.23 21.76 -10.67
N VAL B 1371 0.10 22.16 -9.40
CA VAL B 1371 -1.01 21.72 -8.55
C VAL B 1371 -1.44 22.88 -7.68
N ASP B 1372 -2.75 22.95 -7.42
CA ASP B 1372 -3.33 24.03 -6.64
C ASP B 1372 -4.32 23.40 -5.66
N VAL B 1373 -4.06 23.56 -4.37
CA VAL B 1373 -4.91 22.99 -3.33
C VAL B 1373 -5.51 24.05 -2.42
N GLY B 1374 -4.73 25.07 -2.07
CA GLY B 1374 -5.22 26.10 -1.17
C GLY B 1374 -4.21 27.18 -0.88
N GLY B 1375 -4.06 27.53 0.39
CA GLY B 1375 -3.13 28.56 0.79
C GLY B 1375 -1.69 28.18 0.53
N ALA B 1376 -0.80 29.12 0.83
CA ALA B 1376 0.62 28.93 0.52
C ALA B 1376 1.20 27.77 1.31
N GLU B 1377 0.91 27.70 2.60
CA GLU B 1377 1.53 26.67 3.45
C GLU B 1377 1.14 25.27 3.02
N GLY B 1378 0.00 25.12 2.35
CA GLY B 1378 -0.44 23.83 1.88
C GLY B 1378 -0.16 23.66 0.41
N ASN B 1379 -0.16 24.76 -0.34
CA ASN B 1379 0.14 24.67 -1.76
C ASN B 1379 1.59 24.27 -2.00
N ALA B 1380 2.51 24.79 -1.18
CA ALA B 1380 3.91 24.39 -1.33
C ALA B 1380 4.10 22.91 -0.99
N CYS B 1381 3.44 22.45 0.08
CA CYS B 1381 3.56 21.05 0.46
C CYS B 1381 2.91 20.14 -0.58
N ALA B 1382 1.85 20.61 -1.24
CA ALA B 1382 1.26 19.83 -2.31
C ALA B 1382 2.15 19.80 -3.54
N ARG B 1383 2.78 20.92 -3.86
CA ARG B 1383 3.73 20.96 -4.97
C ARG B 1383 4.92 20.06 -4.72
N ALA B 1384 5.28 19.87 -3.44
CA ALA B 1384 6.34 18.92 -3.12
C ALA B 1384 5.84 17.48 -3.12
N THR B 1385 4.61 17.25 -2.70
CA THR B 1385 4.06 15.89 -2.65
C THR B 1385 3.83 15.34 -4.04
N ILE B 1386 3.36 16.16 -4.98
CA ILE B 1386 3.00 15.69 -6.30
C ILE B 1386 4.16 15.03 -7.04
N LEU B 1387 5.38 15.10 -6.49
CA LEU B 1387 6.54 14.52 -7.14
C LEU B 1387 6.82 13.10 -6.69
N LEU B 1388 6.60 12.79 -5.41
CA LEU B 1388 6.91 11.44 -4.94
C LEU B 1388 5.98 10.38 -5.48
N ARG B 1389 4.91 10.77 -6.18
CA ARG B 1389 4.14 9.78 -6.92
C ARG B 1389 4.86 9.30 -8.16
N GLY B 1390 6.04 9.86 -8.45
CA GLY B 1390 6.82 9.44 -9.60
C GLY B 1390 7.41 8.06 -9.49
N PHE B 1391 7.39 7.45 -8.30
CA PHE B 1391 7.84 6.07 -8.17
C PHE B 1391 7.01 5.15 -9.06
N SER B 1392 5.69 5.19 -8.89
CA SER B 1392 4.79 4.33 -9.66
C SER B 1392 4.36 5.00 -10.95
N SER B 1393 5.33 5.45 -11.74
CA SER B 1393 5.06 6.12 -13.00
C SER B 1393 6.00 5.58 -14.07
N THR B 1394 5.45 5.32 -15.24
CA THR B 1394 6.25 4.77 -16.33
C THR B 1394 7.24 5.77 -16.90
N MET B 1395 7.06 7.06 -16.64
CA MET B 1395 7.97 8.06 -17.17
C MET B 1395 9.30 8.04 -16.44
N VAL B 1396 9.28 7.83 -15.13
CA VAL B 1396 10.49 7.84 -14.32
C VAL B 1396 11.22 6.52 -14.48
N GLY B 1397 12.50 6.59 -14.83
CA GLY B 1397 13.28 5.39 -15.05
C GLY B 1397 13.55 4.63 -13.77
N VAL B 1398 14.17 3.46 -13.92
CA VAL B 1398 14.43 2.61 -12.76
C VAL B 1398 15.55 3.17 -11.91
N ASP B 1399 16.53 3.81 -12.54
CA ASP B 1399 17.62 4.41 -11.77
C ASP B 1399 17.10 5.51 -10.84
N LEU B 1400 16.15 6.32 -11.31
CA LEU B 1400 15.55 7.31 -10.43
C LEU B 1400 14.66 6.67 -9.38
N LYS B 1401 14.04 5.53 -9.67
CA LYS B 1401 13.30 4.84 -8.60
C LYS B 1401 14.24 4.38 -7.51
N ILE B 1402 15.42 3.88 -7.88
CA ILE B 1402 16.41 3.49 -6.88
C ILE B 1402 16.89 4.71 -6.11
N GLN B 1403 17.12 5.83 -6.82
CA GLN B 1403 17.54 7.05 -6.13
C GLN B 1403 16.46 7.55 -5.18
N MET B 1404 15.19 7.39 -5.54
CA MET B 1404 14.10 7.73 -4.63
C MET B 1404 14.15 6.86 -3.39
N LEU B 1405 14.24 5.54 -3.58
CA LEU B 1405 14.33 4.64 -2.44
C LEU B 1405 15.54 4.96 -1.55
N VAL B 1406 16.61 5.49 -2.15
CA VAL B 1406 17.83 5.71 -1.38
C VAL B 1406 17.77 7.03 -0.62
N GLU B 1407 17.28 8.09 -1.25
CA GLU B 1407 17.33 9.42 -0.65
C GLU B 1407 16.04 9.85 0.01
N LEU B 1408 14.88 9.61 -0.62
CA LEU B 1408 13.61 10.01 -0.02
C LEU B 1408 13.26 9.10 1.15
N TYR B 1409 13.11 7.81 0.89
CA TYR B 1409 12.86 6.83 1.94
C TYR B 1409 14.18 6.27 2.45
N GLY B 1410 14.12 5.58 3.58
CA GLY B 1410 15.32 5.02 4.15
C GLY B 1410 15.62 3.64 3.64
N ALA B 1411 16.52 3.55 2.65
CA ALA B 1411 16.92 2.28 2.08
C ALA B 1411 18.38 2.36 1.68
N GLU B 1412 19.04 1.21 1.71
CA GLU B 1412 20.48 1.11 1.47
C GLU B 1412 20.75 0.85 -0.01
N PRO B 1413 21.78 1.50 -0.56
CA PRO B 1413 22.04 1.34 -2.00
C PRO B 1413 22.30 -0.09 -2.41
N ALA B 1414 23.09 -0.83 -1.62
CA ALA B 1414 23.39 -2.21 -1.97
C ALA B 1414 22.14 -3.08 -1.92
N THR B 1415 21.20 -2.77 -1.03
CA THR B 1415 19.98 -3.55 -0.92
C THR B 1415 18.86 -3.00 -1.79
N ALA B 1416 18.99 -1.76 -2.27
CA ALA B 1416 18.05 -1.23 -3.26
C ALA B 1416 18.51 -1.46 -4.68
N ALA B 1417 19.71 -1.99 -4.88
CA ALA B 1417 20.22 -2.22 -6.22
C ALA B 1417 19.41 -3.25 -6.99
N LEU B 1418 18.76 -4.19 -6.30
CA LEU B 1418 17.97 -5.19 -7.00
C LEU B 1418 16.56 -4.69 -7.32
N LEU B 1419 16.50 -3.51 -7.91
CA LEU B 1419 15.29 -3.02 -8.54
C LEU B 1419 15.27 -3.27 -10.04
N TYR B 1420 16.43 -3.42 -10.67
CA TYR B 1420 16.51 -3.80 -12.06
C TYR B 1420 16.80 -5.29 -12.20
N ARG B 1421 16.54 -5.81 -13.39
CA ARG B 1421 16.36 -7.24 -13.59
C ARG B 1421 17.64 -8.02 -13.28
N GLY B 1422 17.48 -9.34 -13.23
CA GLY B 1422 18.56 -10.24 -12.89
C GLY B 1422 18.04 -11.48 -12.18
N TRP B 1423 18.50 -12.65 -12.57
CA TRP B 1423 17.96 -13.91 -12.06
C TRP B 1423 19.10 -14.79 -11.61
N THR B 1424 19.01 -15.29 -10.37
CA THR B 1424 20.06 -16.10 -9.77
C THR B 1424 19.67 -17.58 -9.65
N MET B 1425 18.82 -18.07 -10.55
CA MET B 1425 18.37 -19.47 -10.54
C MET B 1425 17.63 -19.80 -9.24
N GLN B 1426 16.92 -18.82 -8.68
CA GLN B 1426 16.14 -19.02 -7.47
C GLN B 1426 15.07 -20.10 -7.68
N LYS C 1292 4.62 -8.70 6.86
CA LYS C 1292 3.61 -7.74 7.32
C LYS C 1292 2.40 -7.77 6.42
N TYR C 1293 1.24 -7.39 6.97
CA TYR C 1293 0.01 -7.42 6.20
C TYR C 1293 -0.05 -6.28 5.19
N ALA C 1294 0.31 -5.07 5.61
CA ALA C 1294 0.25 -3.93 4.70
C ALA C 1294 1.26 -4.06 3.57
N MET C 1295 2.46 -4.56 3.87
CA MET C 1295 3.45 -4.79 2.83
C MET C 1295 2.92 -5.76 1.79
N ALA C 1296 2.35 -6.87 2.24
CA ALA C 1296 1.79 -7.85 1.33
C ALA C 1296 0.69 -7.25 0.48
N VAL C 1297 -0.23 -6.51 1.11
CA VAL C 1297 -1.36 -5.94 0.39
C VAL C 1297 -0.88 -4.94 -0.66
N ALA C 1298 0.05 -4.06 -0.30
CA ALA C 1298 0.52 -3.05 -1.24
C ALA C 1298 1.29 -3.68 -2.39
N ILE C 1299 2.21 -4.61 -2.08
CA ILE C 1299 2.98 -5.26 -3.12
C ILE C 1299 2.09 -6.06 -4.05
N GLY C 1300 1.04 -6.69 -3.52
CA GLY C 1300 0.20 -7.53 -4.34
C GLY C 1300 -0.95 -6.80 -5.01
N GLY C 1301 -1.17 -5.55 -4.64
CA GLY C 1301 -2.20 -4.77 -5.30
C GLY C 1301 -1.65 -3.77 -6.29
N SER C 1302 -0.39 -3.37 -6.10
CA SER C 1302 0.21 -2.37 -6.97
C SER C 1302 0.39 -2.91 -8.39
N LEU C 1303 0.91 -4.12 -8.51
CA LEU C 1303 1.25 -4.71 -9.79
C LEU C 1303 0.11 -5.59 -10.29
N GLY C 1304 -0.20 -5.48 -11.58
CA GLY C 1304 -1.20 -6.34 -12.17
C GLY C 1304 -1.34 -6.30 -13.67
N SER C 1305 -1.27 -7.47 -14.30
CA SER C 1305 -1.65 -7.74 -15.69
C SER C 1305 -0.70 -7.12 -16.69
N GLN C 1306 0.20 -6.25 -16.22
CA GLN C 1306 1.21 -5.64 -17.09
C GLN C 1306 2.33 -5.17 -16.16
N LEU C 1307 3.40 -5.95 -16.07
CA LEU C 1307 4.50 -5.61 -15.18
C LEU C 1307 5.31 -4.51 -15.84
N SER C 1308 5.22 -3.30 -15.28
CA SER C 1308 5.85 -2.15 -15.89
C SER C 1308 7.37 -2.28 -15.86
N GLU C 1309 8.04 -1.28 -16.43
CA GLU C 1309 9.49 -1.28 -16.55
C GLU C 1309 10.20 -1.54 -15.22
N ALA C 1310 9.55 -1.28 -14.09
CA ALA C 1310 10.16 -1.43 -12.78
C ALA C 1310 9.28 -2.17 -11.79
N GLN C 1311 8.45 -3.10 -12.25
CA GLN C 1311 7.71 -3.98 -11.37
C GLN C 1311 8.16 -5.43 -11.45
N VAL C 1312 8.93 -5.79 -12.48
CA VAL C 1312 9.24 -7.20 -12.72
C VAL C 1312 10.11 -7.78 -11.63
N SER C 1313 10.81 -6.95 -10.86
CA SER C 1313 11.74 -7.43 -9.84
C SER C 1313 11.14 -7.37 -8.43
N ALA C 1314 9.82 -7.30 -8.33
CA ALA C 1314 9.18 -7.28 -7.01
C ALA C 1314 9.42 -8.57 -6.25
N ALA C 1315 9.63 -9.68 -6.96
CA ALA C 1315 9.95 -10.94 -6.28
C ALA C 1315 11.31 -10.86 -5.63
N ARG C 1316 12.35 -10.58 -6.43
CA ARG C 1316 13.69 -10.44 -5.87
C ARG C 1316 13.79 -9.33 -4.84
N VAL C 1317 12.87 -8.37 -4.87
CA VAL C 1317 12.83 -7.37 -3.82
C VAL C 1317 12.25 -7.96 -2.53
N VAL C 1318 11.10 -8.63 -2.64
CA VAL C 1318 10.46 -9.22 -1.47
C VAL C 1318 11.28 -10.41 -0.96
N LEU C 1319 11.47 -11.42 -1.81
CA LEU C 1319 12.31 -12.54 -1.48
C LEU C 1319 13.77 -12.10 -1.57
N GLY C 1320 14.70 -13.02 -1.33
CA GLY C 1320 16.11 -12.71 -1.48
C GLY C 1320 16.50 -12.61 -2.94
N ASN C 1321 17.81 -12.53 -3.17
CA ASN C 1321 18.34 -12.59 -4.52
C ASN C 1321 19.04 -13.90 -4.84
N GLY C 1322 19.56 -14.60 -3.84
CA GLY C 1322 20.14 -15.91 -4.04
C GLY C 1322 19.08 -16.96 -4.31
N VAL C 1323 19.47 -18.21 -4.10
CA VAL C 1323 18.53 -19.31 -4.27
C VAL C 1323 17.53 -19.31 -3.14
N TRP C 1324 16.24 -19.32 -3.50
CA TRP C 1324 15.17 -19.48 -2.54
C TRP C 1324 15.09 -20.96 -2.15
N ARG C 1325 14.76 -21.23 -0.89
CA ARG C 1325 15.16 -22.53 -0.36
C ARG C 1325 14.24 -23.69 -0.73
N ASP C 1326 13.11 -23.86 -0.06
CA ASP C 1326 12.13 -24.85 -0.49
C ASP C 1326 10.71 -24.40 -0.17
N ALA C 1327 10.57 -23.60 0.88
CA ALA C 1327 9.23 -23.15 1.27
C ALA C 1327 8.74 -22.07 0.34
N VAL C 1328 9.62 -21.15 -0.03
CA VAL C 1328 9.31 -20.18 -1.06
C VAL C 1328 8.86 -20.90 -2.34
N ILE C 1329 9.62 -21.92 -2.74
CA ILE C 1329 9.32 -22.58 -4.00
C ILE C 1329 8.01 -23.36 -3.92
N ASP C 1330 7.73 -23.98 -2.78
CA ASP C 1330 6.49 -24.73 -2.64
C ASP C 1330 5.30 -23.79 -2.63
N VAL C 1331 5.41 -22.65 -1.94
CA VAL C 1331 4.32 -21.68 -1.95
C VAL C 1331 4.11 -21.13 -3.35
N LEU C 1332 5.19 -20.86 -4.08
CA LEU C 1332 5.05 -20.37 -5.44
C LEU C 1332 4.43 -21.43 -6.33
N ARG C 1333 4.75 -22.70 -6.10
CA ARG C 1333 4.14 -23.77 -6.89
C ARG C 1333 2.65 -23.87 -6.62
N LYS C 1334 2.25 -23.79 -5.35
CA LYS C 1334 0.84 -23.82 -5.02
C LYS C 1334 0.10 -22.62 -5.62
N LEU C 1335 0.72 -21.44 -5.56
CA LEU C 1335 0.10 -20.26 -6.14
C LEU C 1335 -0.06 -20.41 -7.65
N HIS C 1336 0.99 -20.88 -8.32
CA HIS C 1336 0.88 -21.07 -9.76
C HIS C 1336 -0.19 -22.09 -10.11
N ASN C 1337 -0.25 -23.19 -9.36
CA ASN C 1337 -1.31 -24.16 -9.58
C ASN C 1337 -2.67 -23.49 -9.48
N VAL C 1338 -2.99 -22.93 -8.31
CA VAL C 1338 -4.31 -22.36 -8.07
C VAL C 1338 -4.66 -21.31 -9.11
N MET C 1339 -3.69 -20.51 -9.54
CA MET C 1339 -4.00 -19.35 -10.37
C MET C 1339 -3.89 -19.60 -11.87
N TYR C 1340 -3.16 -20.64 -12.31
CA TYR C 1340 -2.92 -20.81 -13.73
C TYR C 1340 -2.99 -22.24 -14.22
N GLY C 1341 -3.33 -23.22 -13.38
CA GLY C 1341 -3.43 -24.58 -13.87
C GLY C 1341 -4.68 -24.84 -14.67
N GLY C 1342 -5.71 -24.01 -14.50
CA GLY C 1342 -6.92 -24.20 -15.26
C GLY C 1342 -6.73 -23.98 -16.74
N LYS C 1343 -5.73 -23.16 -17.11
CA LYS C 1343 -5.49 -22.83 -18.50
C LYS C 1343 -4.15 -23.36 -19.00
N TYR C 1344 -3.07 -23.13 -18.25
CA TYR C 1344 -1.73 -23.47 -18.71
C TYR C 1344 -1.19 -24.73 -18.05
N GLY C 1345 -2.03 -25.52 -17.41
CA GLY C 1345 -1.57 -26.74 -16.78
C GLY C 1345 -0.81 -26.47 -15.51
N ARG C 1346 -0.83 -27.42 -14.59
CA ARG C 1346 -0.13 -27.24 -13.33
C ARG C 1346 1.24 -27.91 -13.38
N ILE C 1347 1.99 -27.74 -12.30
CA ILE C 1347 3.28 -28.39 -12.14
C ILE C 1347 3.25 -29.21 -10.87
N ASP C 1348 4.04 -30.28 -10.86
CA ASP C 1348 3.93 -31.34 -9.86
C ASP C 1348 4.92 -31.19 -8.70
N ASP C 1349 6.18 -30.95 -9.01
CA ASP C 1349 7.24 -31.08 -8.02
C ASP C 1349 7.90 -29.74 -7.72
N ILE C 1350 8.43 -29.63 -6.50
CA ILE C 1350 9.15 -28.43 -6.10
C ILE C 1350 10.39 -28.22 -6.96
N ALA C 1351 11.00 -29.31 -7.42
CA ALA C 1351 12.16 -29.19 -8.31
C ALA C 1351 11.73 -28.82 -9.73
N ALA C 1352 10.51 -29.18 -10.13
CA ALA C 1352 10.02 -28.79 -11.43
C ALA C 1352 9.50 -27.36 -11.45
N MET C 1353 9.18 -26.79 -10.28
CA MET C 1353 8.90 -25.36 -10.22
C MET C 1353 10.16 -24.55 -10.47
N ARG C 1354 11.28 -24.98 -9.88
CA ARG C 1354 12.56 -24.32 -10.15
C ARG C 1354 12.89 -24.37 -11.64
N SER C 1355 12.82 -25.55 -12.23
CA SER C 1355 13.14 -25.67 -13.65
C SER C 1355 12.18 -24.88 -14.52
N TYR C 1356 10.92 -24.76 -14.12
CA TYR C 1356 10.00 -23.89 -14.84
C TYR C 1356 10.25 -22.43 -14.55
N LEU C 1357 10.68 -22.11 -13.33
CA LEU C 1357 10.79 -20.72 -12.92
C LEU C 1357 11.94 -20.02 -13.63
N ASN C 1358 13.15 -20.54 -13.49
CA ASN C 1358 14.31 -19.79 -13.95
C ASN C 1358 14.44 -19.82 -15.47
N ASP C 1359 14.65 -21.01 -16.05
CA ASP C 1359 15.00 -21.03 -17.46
C ASP C 1359 13.78 -20.95 -18.36
N GLY C 1360 12.94 -21.99 -18.34
CA GLY C 1360 11.90 -22.09 -19.34
C GLY C 1360 10.48 -22.19 -18.87
N THR C 1361 9.94 -23.40 -19.03
CA THR C 1361 8.53 -23.70 -18.96
C THR C 1361 8.38 -25.12 -18.45
N GLY C 1362 7.25 -25.75 -18.75
CA GLY C 1362 6.81 -26.95 -18.08
C GLY C 1362 5.29 -26.95 -18.03
N LEU C 1363 4.71 -25.91 -18.62
CA LEU C 1363 3.27 -25.79 -18.76
C LEU C 1363 2.79 -26.77 -19.82
N LEU C 1364 1.51 -26.69 -20.17
CA LEU C 1364 0.94 -27.59 -21.16
C LEU C 1364 1.62 -27.37 -22.51
N PRO C 1365 1.76 -28.42 -23.32
CA PRO C 1365 2.36 -28.28 -24.64
C PRO C 1365 1.49 -27.43 -25.55
N GLY C 1366 2.08 -26.40 -26.12
CA GLY C 1366 1.39 -25.50 -27.03
C GLY C 1366 0.86 -24.23 -26.40
N SER C 1367 0.86 -24.15 -25.07
CA SER C 1367 0.36 -22.97 -24.39
C SER C 1367 1.42 -21.88 -24.35
N GLU C 1368 0.99 -20.65 -24.53
CA GLU C 1368 1.90 -19.51 -24.59
C GLU C 1368 2.34 -19.12 -23.18
N PRO C 1369 3.39 -18.30 -23.05
CA PRO C 1369 3.89 -17.96 -21.72
C PRO C 1369 2.87 -17.19 -20.90
N ILE C 1370 2.97 -17.33 -19.58
CA ILE C 1370 2.07 -16.63 -18.67
C ILE C 1370 2.25 -15.12 -18.81
N VAL C 1371 3.50 -14.66 -18.76
CA VAL C 1371 3.81 -13.24 -18.87
C VAL C 1371 5.09 -13.08 -19.68
N ASP C 1372 5.15 -12.01 -20.47
CA ASP C 1372 6.27 -11.74 -21.36
C ASP C 1372 6.61 -10.26 -21.21
N VAL C 1373 7.82 -9.97 -20.73
CA VAL C 1373 8.28 -8.61 -20.53
C VAL C 1373 9.50 -8.27 -21.37
N GLY C 1374 10.44 -9.20 -21.50
CA GLY C 1374 11.65 -8.91 -22.25
C GLY C 1374 12.61 -10.09 -22.28
N GLY C 1375 13.89 -9.82 -22.05
CA GLY C 1375 14.90 -10.85 -22.08
C GLY C 1375 14.71 -11.88 -20.97
N ALA C 1376 15.57 -12.89 -21.00
CA ALA C 1376 15.43 -14.02 -20.08
C ALA C 1376 15.58 -13.58 -18.63
N GLU C 1377 16.60 -12.77 -18.34
CA GLU C 1377 16.88 -12.39 -16.96
C GLU C 1377 15.74 -11.60 -16.34
N GLY C 1378 14.92 -10.95 -17.16
CA GLY C 1378 13.80 -10.20 -16.66
C GLY C 1378 12.50 -10.95 -16.84
N ASN C 1379 12.44 -11.81 -17.86
CA ASN C 1379 11.24 -12.61 -18.08
C ASN C 1379 11.06 -13.62 -16.96
N ALA C 1380 12.15 -14.23 -16.49
CA ALA C 1380 12.04 -15.17 -15.39
C ALA C 1380 11.60 -14.46 -14.11
N CYS C 1381 12.16 -13.29 -13.84
CA CYS C 1381 11.78 -12.55 -12.65
C CYS C 1381 10.34 -12.06 -12.74
N ALA C 1382 9.86 -11.76 -13.94
CA ALA C 1382 8.45 -11.40 -14.11
C ALA C 1382 7.54 -12.59 -13.92
N ARG C 1383 7.94 -13.75 -14.43
CA ARG C 1383 7.17 -14.97 -14.23
C ARG C 1383 7.12 -15.34 -12.76
N ALA C 1384 8.14 -14.99 -11.98
CA ALA C 1384 8.09 -15.21 -10.55
C ALA C 1384 7.27 -14.14 -9.83
N THR C 1385 7.31 -12.90 -10.31
CA THR C 1385 6.58 -11.81 -9.67
C THR C 1385 5.08 -11.96 -9.86
N ILE C 1386 4.65 -12.41 -11.04
CA ILE C 1386 3.23 -12.48 -11.34
C ILE C 1386 2.45 -13.37 -10.39
N LEU C 1387 3.13 -14.10 -9.51
CA LEU C 1387 2.46 -14.99 -8.58
C LEU C 1387 2.16 -14.33 -7.25
N LEU C 1388 3.03 -13.46 -6.75
CA LEU C 1388 2.80 -12.87 -5.44
C LEU C 1388 1.64 -11.88 -5.45
N ARG C 1389 1.10 -11.54 -6.62
CA ARG C 1389 -0.16 -10.80 -6.63
C ARG C 1389 -1.34 -11.66 -6.24
N GLY C 1390 -1.12 -12.95 -5.99
CA GLY C 1390 -2.18 -13.84 -5.58
C GLY C 1390 -2.71 -13.59 -4.19
N PHE C 1391 -2.02 -12.77 -3.39
CA PHE C 1391 -2.56 -12.41 -2.08
C PHE C 1391 -3.90 -11.71 -2.24
N SER C 1392 -3.95 -10.65 -3.02
CA SER C 1392 -5.17 -9.87 -3.22
C SER C 1392 -5.99 -10.43 -4.38
N SER C 1393 -6.27 -11.72 -4.35
CA SER C 1393 -7.04 -12.38 -5.40
C SER C 1393 -8.06 -13.30 -4.77
N THR C 1394 -9.29 -13.26 -5.31
CA THR C 1394 -10.36 -14.08 -4.77
C THR C 1394 -10.18 -15.56 -5.05
N MET C 1395 -9.30 -15.91 -6.00
CA MET C 1395 -9.10 -17.33 -6.31
C MET C 1395 -8.29 -18.02 -5.22
N VAL C 1396 -7.30 -17.34 -4.67
CA VAL C 1396 -6.42 -17.93 -3.67
C VAL C 1396 -7.13 -17.93 -2.32
N GLY C 1397 -7.19 -19.09 -1.68
CA GLY C 1397 -7.87 -19.22 -0.41
C GLY C 1397 -7.14 -18.51 0.70
N VAL C 1398 -7.77 -18.49 1.88
CA VAL C 1398 -7.20 -17.79 3.02
C VAL C 1398 -6.02 -18.55 3.59
N ASP C 1399 -6.06 -19.87 3.54
CA ASP C 1399 -4.93 -20.66 4.05
C ASP C 1399 -3.67 -20.40 3.24
N LEU C 1400 -3.80 -20.25 1.92
CA LEU C 1400 -2.64 -19.87 1.11
C LEU C 1400 -2.21 -18.44 1.35
N LYS C 1401 -3.14 -17.54 1.69
CA LYS C 1401 -2.72 -16.19 2.06
C LYS C 1401 -1.89 -16.22 3.33
N ILE C 1402 -2.28 -17.04 4.31
CA ILE C 1402 -1.48 -17.19 5.52
C ILE C 1402 -0.13 -17.81 5.18
N GLN C 1403 -0.12 -18.81 4.31
CA GLN C 1403 1.15 -19.43 3.92
C GLN C 1403 2.05 -18.43 3.20
N MET C 1404 1.46 -17.53 2.40
CA MET C 1404 2.24 -16.48 1.78
C MET C 1404 2.85 -15.56 2.82
N LEU C 1405 2.03 -15.08 3.76
CA LEU C 1405 2.54 -14.23 4.84
C LEU C 1405 3.62 -14.93 5.63
N VAL C 1406 3.58 -16.26 5.73
CA VAL C 1406 4.52 -16.97 6.58
C VAL C 1406 5.83 -17.23 5.86
N GLU C 1407 5.77 -17.62 4.59
CA GLU C 1407 6.96 -18.05 3.87
C GLU C 1407 7.54 -16.96 2.96
N LEU C 1408 6.72 -16.24 2.22
CA LEU C 1408 7.23 -15.21 1.34
C LEU C 1408 7.70 -13.99 2.14
N TYR C 1409 6.79 -13.38 2.89
CA TYR C 1409 7.13 -12.27 3.76
C TYR C 1409 7.48 -12.79 5.15
N GLY C 1410 8.06 -11.92 5.97
CA GLY C 1410 8.44 -12.33 7.29
C GLY C 1410 7.34 -12.14 8.30
N ALA C 1411 6.60 -13.20 8.60
CA ALA C 1411 5.53 -13.14 9.58
C ALA C 1411 5.46 -14.48 10.30
N GLU C 1412 4.99 -14.43 11.54
CA GLU C 1412 4.96 -15.57 12.43
C GLU C 1412 3.63 -16.30 12.32
N PRO C 1413 3.65 -17.63 12.32
CA PRO C 1413 2.40 -18.39 12.13
C PRO C 1413 1.35 -18.08 13.18
N ALA C 1414 1.75 -17.99 14.45
CA ALA C 1414 0.80 -17.71 15.51
C ALA C 1414 0.20 -16.32 15.36
N THR C 1415 0.96 -15.36 14.84
CA THR C 1415 0.46 -14.00 14.67
C THR C 1415 -0.15 -13.79 13.30
N ALA C 1416 0.09 -14.69 12.34
CA ALA C 1416 -0.60 -14.63 11.07
C ALA C 1416 -1.85 -15.49 11.05
N ALA C 1417 -2.10 -16.25 12.12
CA ALA C 1417 -3.28 -17.12 12.17
C ALA C 1417 -4.58 -16.33 12.16
N LEU C 1418 -4.59 -15.08 12.63
CA LEU C 1418 -5.82 -14.30 12.64
C LEU C 1418 -6.04 -13.60 11.30
N LEU C 1419 -5.94 -14.37 10.24
CA LEU C 1419 -6.40 -13.95 8.92
C LEU C 1419 -7.81 -14.45 8.61
N TYR C 1420 -8.23 -15.55 9.23
CA TYR C 1420 -9.60 -16.03 9.11
C TYR C 1420 -10.43 -15.59 10.32
N ARG C 1421 -11.74 -15.66 10.14
CA ARG C 1421 -12.68 -14.93 10.98
C ARG C 1421 -12.62 -15.39 12.43
N GLY C 1422 -13.28 -14.63 13.29
CA GLY C 1422 -13.29 -14.88 14.71
C GLY C 1422 -13.40 -13.59 15.49
N TRP C 1423 -14.27 -13.54 16.50
CA TRP C 1423 -14.57 -12.31 17.22
C TRP C 1423 -14.47 -12.58 18.70
N THR C 1424 -13.70 -11.74 19.41
CA THR C 1424 -13.45 -11.90 20.83
C THR C 1424 -14.16 -10.85 21.67
N MET C 1425 -15.31 -10.35 21.21
CA MET C 1425 -16.08 -9.33 21.92
C MET C 1425 -15.27 -8.05 22.13
N GLN C 1426 -14.41 -7.73 21.16
CA GLN C 1426 -13.61 -6.50 21.20
C GLN C 1426 -14.51 -5.27 21.23
#